data_6N7Z
#
_entry.id   6N7Z
#
_cell.length_a   110.862
_cell.length_b   110.862
_cell.length_c   75.038
_cell.angle_alpha   90.00
_cell.angle_beta   90.00
_cell.angle_gamma   90.00
#
_symmetry.space_group_name_H-M   'P 41 21 2'
#
loop_
_entity.id
_entity.type
_entity.pdbx_description
1 polymer 'Farnesyl pyrophosphate synthase'
2 non-polymer GLYCEROL
3 non-polymer '[(1S)-1-{[6-(4-methylphenyl)thieno[2,3-d]pyrimidin-4-yl]amino}-2-phenylethyl]phosphonic acid'
4 non-polymer 'CHLORIDE ION'
5 water water
#
_entity_poly.entity_id   1
_entity_poly.type   'polypeptide(L)'
_entity_poly.pdbx_seq_one_letter_code
;MGSSHHHHHHSSGRENLYFQGHMNGDQNSDVYAQEKQDFVQHFSQIVRVLTEDEMGHPEIGDAIARLKEVLEYNAIGGKY
NRGLTVVVAFRELVEPRKQDADSLQRAWTVGWCVELLQAFFLVADDIMDSSLTRRGQICWYQKPGVGLDAINDANLLEAC
IYRLLKLYCREQPYYLNLIELFLQSSYQTEIGQTLDLLTAPQGNVDLVRFTEKRYKSIVKYKTAFYSFYLPIAAAMYMAG
IDGEKEHANAKKILLEMGEFFQIQDDYLDLFGDPSVTGKIGTDIQDNKCSWLVVQCLQRATPEQYQILKENYGQKEAEKV
ARVKALYEELDLPAVFLQYEEDSYSHIMALIEQYAAPLPPAVFLGLARKIYKRRK
;
_entity_poly.pdbx_strand_id   F
#
loop_
_chem_comp.id
_chem_comp.type
_chem_comp.name
_chem_comp.formula
CL non-polymer 'CHLORIDE ION' 'Cl -1'
GOL non-polymer GLYCEROL 'C3 H8 O3'
KF7 non-polymer '[(1S)-1-{[6-(4-methylphenyl)thieno[2,3-d]pyrimidin-4-yl]amino}-2-phenylethyl]phosphonic acid' 'C21 H20 N3 O3 P S'
#
# COMPACT_ATOMS: atom_id res chain seq x y z
N ALA A 33 16.93 -2.83 -7.58
CA ALA A 33 17.84 -1.86 -8.25
C ALA A 33 18.24 -2.35 -9.66
N GLN A 34 17.92 -3.61 -9.99
CA GLN A 34 18.17 -4.23 -11.32
C GLN A 34 17.32 -3.54 -12.40
N GLU A 35 16.07 -3.17 -12.07
CA GLU A 35 15.19 -2.43 -13.01
C GLU A 35 14.62 -1.15 -12.36
N LYS A 36 15.15 -0.72 -11.20
CA LYS A 36 14.65 0.48 -10.49
C LYS A 36 15.10 1.77 -11.18
N GLN A 37 16.28 1.70 -11.83
CA GLN A 37 16.91 2.81 -12.52
C GLN A 37 15.93 3.42 -13.53
N ASP A 38 15.61 2.64 -14.57
CA ASP A 38 14.78 3.09 -15.70
C ASP A 38 13.39 3.50 -15.20
N PHE A 39 12.88 2.85 -14.15
CA PHE A 39 11.53 3.12 -13.70
C PHE A 39 11.46 4.59 -13.27
N VAL A 40 12.42 5.04 -12.45
CA VAL A 40 12.41 6.40 -11.88
C VAL A 40 12.83 7.47 -12.91
N GLN A 41 13.51 7.09 -14.00
CA GLN A 41 13.90 8.06 -15.04
C GLN A 41 12.66 8.32 -15.94
N HIS A 42 11.70 7.38 -15.92
CA HIS A 42 10.57 7.45 -16.82
C HIS A 42 9.53 8.40 -16.23
N PHE A 43 9.69 8.71 -14.95
CA PHE A 43 8.78 9.60 -14.26
C PHE A 43 8.68 10.95 -14.97
N SER A 44 9.86 11.46 -15.34
CA SER A 44 10.07 12.75 -15.93
C SER A 44 9.22 12.94 -17.19
N GLN A 45 9.13 11.87 -17.99
CA GLN A 45 8.16 11.73 -19.07
C GLN A 45 6.72 11.75 -18.54
N ILE A 46 6.37 10.86 -17.59
CA ILE A 46 4.99 10.82 -17.04
C ILE A 46 4.53 12.25 -16.85
N VAL A 47 5.35 13.05 -16.16
CA VAL A 47 4.99 14.43 -15.93
C VAL A 47 4.91 15.23 -17.26
N ARG A 48 5.89 15.11 -18.16
CA ARG A 48 5.93 15.91 -19.42
C ARG A 48 4.53 15.84 -20.06
N VAL A 49 4.00 14.62 -20.13
CA VAL A 49 2.77 14.26 -20.84
C VAL A 49 1.51 14.70 -20.07
N LEU A 50 1.51 14.54 -18.76
CA LEU A 50 0.35 14.97 -18.00
C LEU A 50 0.22 16.50 -18.02
N THR A 51 1.31 17.22 -18.31
CA THR A 51 1.35 18.68 -18.22
C THR A 51 1.59 19.34 -19.60
N GLU A 52 0.50 19.56 -20.37
CA GLU A 52 0.54 20.33 -21.65
C GLU A 52 -0.89 20.63 -22.14
N GLY A 56 -2.19 23.05 -25.95
CA GLY A 56 -2.67 24.26 -26.60
C GLY A 56 -3.94 24.81 -25.94
N HIS A 57 -4.14 24.49 -24.65
CA HIS A 57 -5.28 24.97 -23.82
C HIS A 57 -4.77 26.01 -22.80
N PRO A 58 -4.51 27.28 -23.20
CA PRO A 58 -3.56 28.17 -22.49
C PRO A 58 -3.87 28.59 -21.04
N GLU A 59 -5.13 28.93 -20.73
CA GLU A 59 -5.44 29.54 -19.43
C GLU A 59 -5.67 28.47 -18.32
N ILE A 60 -5.78 27.18 -18.67
CA ILE A 60 -5.63 26.16 -17.57
C ILE A 60 -4.15 26.04 -17.20
N GLY A 61 -3.29 26.79 -17.89
CA GLY A 61 -1.87 26.57 -17.78
C GLY A 61 -1.42 26.54 -16.33
N ASP A 62 -1.99 27.47 -15.53
CA ASP A 62 -1.70 27.62 -14.14
C ASP A 62 -2.12 26.34 -13.35
N ALA A 63 -3.31 25.80 -13.65
CA ALA A 63 -3.82 24.59 -12.94
C ALA A 63 -2.85 23.43 -13.15
N ILE A 64 -2.28 23.45 -14.37
CA ILE A 64 -1.36 22.43 -14.81
C ILE A 64 -0.03 22.61 -14.08
N ALA A 65 0.53 23.83 -14.12
CA ALA A 65 1.64 24.16 -13.21
C ALA A 65 1.48 23.40 -11.87
N ARG A 66 0.30 23.50 -11.27
CA ARG A 66 0.09 23.13 -9.92
C ARG A 66 0.04 21.58 -9.86
N LEU A 67 -0.68 20.96 -10.79
CA LEU A 67 -0.59 19.54 -10.98
C LEU A 67 0.86 19.06 -10.99
N LYS A 68 1.76 19.83 -11.58
CA LYS A 68 3.12 19.35 -11.71
C LYS A 68 3.73 19.30 -10.31
N GLU A 69 3.61 20.42 -9.61
CA GLU A 69 4.09 20.57 -8.26
C GLU A 69 3.56 19.37 -7.44
N VAL A 70 2.28 19.07 -7.62
CA VAL A 70 1.57 18.03 -6.85
C VAL A 70 2.25 16.67 -7.02
N LEU A 71 2.39 16.21 -8.26
CA LEU A 71 3.02 14.96 -8.61
C LEU A 71 4.49 14.94 -8.16
N GLU A 72 5.25 16.00 -8.47
CA GLU A 72 6.68 16.03 -8.13
C GLU A 72 6.83 15.70 -6.64
N TYR A 73 6.04 16.40 -5.83
CA TYR A 73 6.15 16.29 -4.41
C TYR A 73 5.55 14.96 -3.92
N ASN A 74 4.50 14.44 -4.55
CA ASN A 74 3.75 13.38 -3.87
C ASN A 74 3.94 11.99 -4.51
N ALA A 75 4.39 11.92 -5.76
CA ALA A 75 4.59 10.64 -6.41
C ALA A 75 6.00 10.12 -6.15
N ILE A 76 6.93 11.02 -5.82
CA ILE A 76 8.34 10.73 -5.68
C ILE A 76 8.71 10.62 -4.20
N GLY A 77 9.68 9.75 -3.91
CA GLY A 77 10.38 9.72 -2.63
C GLY A 77 10.09 8.47 -1.80
N GLY A 78 9.18 7.62 -2.30
CA GLY A 78 8.99 6.26 -1.78
C GLY A 78 10.08 5.32 -2.25
N LYS A 79 9.84 4.02 -2.12
CA LYS A 79 10.76 2.98 -2.59
C LYS A 79 10.21 2.34 -3.87
N TYR A 80 8.98 2.66 -4.25
CA TYR A 80 8.41 2.38 -5.59
C TYR A 80 8.15 0.88 -5.79
N ASN A 81 8.15 0.08 -4.71
CA ASN A 81 7.97 -1.37 -4.80
C ASN A 81 6.70 -1.74 -5.57
N ARG A 82 5.58 -1.18 -5.23
CA ARG A 82 4.35 -1.62 -5.85
C ARG A 82 4.40 -1.44 -7.38
N GLY A 83 4.84 -0.26 -7.86
CA GLY A 83 4.92 0.09 -9.29
C GLY A 83 5.94 -0.76 -10.04
N LEU A 84 7.12 -0.89 -9.44
CA LEU A 84 8.08 -1.88 -9.86
C LEU A 84 7.50 -3.30 -9.93
N THR A 85 6.55 -3.71 -9.10
CA THR A 85 6.07 -5.10 -9.17
C THR A 85 5.46 -5.34 -10.56
N VAL A 86 4.80 -4.31 -11.11
CA VAL A 86 4.16 -4.41 -12.42
C VAL A 86 5.22 -4.62 -13.50
N VAL A 87 6.36 -3.95 -13.37
CA VAL A 87 7.32 -4.03 -14.42
C VAL A 87 7.96 -5.39 -14.37
N VAL A 88 8.44 -5.77 -13.17
CA VAL A 88 9.16 -7.02 -13.03
C VAL A 88 8.26 -8.19 -13.45
N ALA A 89 7.00 -8.15 -13.03
CA ALA A 89 6.01 -9.17 -13.34
C ALA A 89 5.72 -9.20 -14.83
N PHE A 90 5.59 -8.03 -15.47
CA PHE A 90 5.37 -7.97 -16.89
C PHE A 90 6.48 -8.70 -17.64
N ARG A 91 7.73 -8.42 -17.28
CA ARG A 91 8.92 -9.10 -17.89
C ARG A 91 8.88 -10.62 -17.67
N GLU A 92 8.58 -11.06 -16.44
CA GLU A 92 8.50 -12.48 -16.10
C GLU A 92 7.28 -13.14 -16.79
N LEU A 93 6.25 -12.38 -17.15
CA LEU A 93 5.02 -12.99 -17.63
C LEU A 93 4.96 -13.13 -19.16
N VAL A 94 5.74 -12.34 -19.92
CA VAL A 94 5.52 -12.23 -21.38
C VAL A 94 6.55 -13.07 -22.16
N GLU A 95 6.25 -13.35 -23.43
CA GLU A 95 7.23 -13.95 -24.38
C GLU A 95 8.35 -12.94 -24.64
N PRO A 96 9.64 -13.25 -24.34
CA PRO A 96 10.74 -12.31 -24.61
C PRO A 96 10.66 -11.64 -25.99
N ARG A 97 10.02 -12.34 -26.95
CA ARG A 97 9.61 -11.85 -28.29
C ARG A 97 8.81 -10.55 -28.13
N LYS A 98 7.59 -10.63 -27.55
CA LYS A 98 6.63 -9.50 -27.51
C LYS A 98 6.96 -8.44 -26.44
N GLN A 99 8.25 -8.21 -26.12
CA GLN A 99 8.66 -7.16 -25.15
C GLN A 99 9.40 -6.04 -25.89
N ASP A 100 8.69 -5.39 -26.83
CA ASP A 100 9.21 -4.30 -27.65
C ASP A 100 9.26 -2.99 -26.82
N ALA A 101 9.73 -1.91 -27.44
CA ALA A 101 9.93 -0.66 -26.72
C ALA A 101 8.58 -0.16 -26.20
N ASP A 102 7.54 -0.34 -27.03
CA ASP A 102 6.17 0.11 -26.77
C ASP A 102 5.57 -0.66 -25.57
N SER A 103 5.70 -1.98 -25.58
CA SER A 103 5.28 -2.85 -24.47
C SER A 103 5.84 -2.30 -23.16
N LEU A 104 7.15 -2.07 -23.18
CA LEU A 104 7.92 -1.64 -22.03
C LEU A 104 7.52 -0.24 -21.59
N GLN A 105 7.22 0.63 -22.57
CA GLN A 105 6.70 1.96 -22.33
C GLN A 105 5.43 1.87 -21.45
N ARG A 106 4.56 0.90 -21.78
CA ARG A 106 3.30 0.72 -21.10
C ARG A 106 3.46 0.07 -19.73
N ALA A 107 4.47 -0.78 -19.52
CA ALA A 107 4.71 -1.36 -18.21
C ALA A 107 5.17 -0.29 -17.21
N TRP A 108 6.09 0.59 -17.63
CA TRP A 108 6.61 1.65 -16.75
C TRP A 108 5.48 2.62 -16.40
N THR A 109 4.56 2.81 -17.32
CA THR A 109 3.42 3.69 -17.10
C THR A 109 2.42 3.09 -16.08
N VAL A 110 1.96 1.86 -16.35
CA VAL A 110 0.96 1.25 -15.53
C VAL A 110 1.53 1.01 -14.13
N GLY A 111 2.85 0.77 -14.05
CA GLY A 111 3.61 0.86 -12.80
C GLY A 111 3.47 2.21 -12.11
N TRP A 112 3.66 3.29 -12.86
CA TRP A 112 3.50 4.66 -12.31
C TRP A 112 2.03 4.95 -11.96
N CYS A 113 1.10 4.38 -12.73
CA CYS A 113 -0.32 4.49 -12.41
C CYS A 113 -0.61 3.97 -11.00
N VAL A 114 0.06 2.88 -10.58
CA VAL A 114 -0.03 2.33 -9.22
C VAL A 114 0.63 3.26 -8.20
N GLU A 115 1.78 3.84 -8.55
CA GLU A 115 2.39 4.72 -7.58
C GLU A 115 1.51 5.97 -7.41
N LEU A 116 0.72 6.34 -8.43
CA LEU A 116 -0.20 7.50 -8.34
C LEU A 116 -1.47 7.16 -7.53
N LEU A 117 -2.07 5.99 -7.75
CA LEU A 117 -3.06 5.49 -6.83
C LEU A 117 -2.58 5.62 -5.37
N GLN A 118 -1.34 5.24 -5.11
CA GLN A 118 -0.98 5.24 -3.72
C GLN A 118 -0.89 6.67 -3.20
N ALA A 119 -0.17 7.55 -3.93
CA ALA A 119 -0.04 8.96 -3.56
C ALA A 119 -1.41 9.59 -3.22
N PHE A 120 -2.40 9.31 -4.06
CA PHE A 120 -3.80 9.66 -3.84
C PHE A 120 -4.32 9.23 -2.46
N PHE A 121 -4.18 7.94 -2.09
CA PHE A 121 -4.68 7.56 -0.77
C PHE A 121 -3.83 8.25 0.28
N LEU A 122 -2.53 8.29 0.04
CA LEU A 122 -1.61 8.80 1.07
C LEU A 122 -1.89 10.28 1.38
N VAL A 123 -2.08 11.14 0.36
CA VAL A 123 -2.27 12.54 0.59
C VAL A 123 -3.56 12.68 1.39
N ALA A 124 -4.59 12.01 0.91
CA ALA A 124 -5.90 12.13 1.49
C ALA A 124 -5.94 11.50 2.91
N ASP A 125 -5.30 10.37 3.14
CA ASP A 125 -5.32 9.80 4.50
C ASP A 125 -4.59 10.71 5.51
N ASP A 126 -3.53 11.38 5.05
CA ASP A 126 -2.67 12.16 5.89
C ASP A 126 -3.42 13.38 6.36
N ILE A 127 -4.38 13.85 5.55
CA ILE A 127 -5.25 14.91 6.02
C ILE A 127 -6.18 14.33 7.10
N MET A 128 -6.82 13.21 6.78
CA MET A 128 -7.82 12.57 7.62
C MET A 128 -7.25 12.21 8.99
N ASP A 129 -5.98 11.82 9.05
CA ASP A 129 -5.33 11.38 10.29
C ASP A 129 -4.67 12.53 11.03
N SER A 130 -4.82 13.74 10.51
CA SER A 130 -3.98 14.86 10.91
C SER A 130 -2.53 14.42 11.10
N SER A 131 -1.91 13.81 10.07
CA SER A 131 -0.48 13.48 10.12
C SER A 131 0.33 14.75 9.87
N LEU A 132 1.62 14.70 10.23
CA LEU A 132 2.60 15.77 10.15
C LEU A 132 3.65 15.49 9.08
N THR A 133 4.30 14.32 9.12
CA THR A 133 5.30 14.01 8.14
C THR A 133 5.01 12.65 7.52
N ARG A 134 5.80 12.35 6.50
CA ARG A 134 5.66 11.16 5.73
C ARG A 134 6.87 11.09 4.81
N ARG A 135 7.62 9.99 4.89
CA ARG A 135 8.92 9.91 4.21
C ARG A 135 9.83 11.00 4.81
N GLY A 136 9.80 11.12 6.15
CA GLY A 136 10.63 12.07 6.97
C GLY A 136 10.44 13.55 6.59
N GLN A 137 9.43 13.80 5.74
CA GLN A 137 9.20 15.03 4.98
C GLN A 137 7.78 15.53 5.27
N ILE A 138 7.62 16.84 5.38
CA ILE A 138 6.35 17.45 5.75
C ILE A 138 5.28 16.96 4.78
N CYS A 139 4.10 16.61 5.28
CA CYS A 139 2.99 16.20 4.43
C CYS A 139 2.55 17.39 3.56
N TRP A 140 2.07 17.06 2.35
CA TRP A 140 1.63 18.03 1.37
C TRP A 140 0.63 19.03 1.99
N TYR A 141 -0.32 18.56 2.80
CA TYR A 141 -1.42 19.39 3.26
C TYR A 141 -0.93 20.34 4.35
N GLN A 142 0.22 20.03 4.98
CA GLN A 142 0.74 20.84 6.09
C GLN A 142 1.59 21.99 5.54
N LYS A 143 1.90 21.96 4.23
CA LYS A 143 2.73 22.96 3.57
C LYS A 143 1.99 24.28 3.56
N PRO A 144 2.71 25.42 3.64
CA PRO A 144 2.10 26.74 3.76
C PRO A 144 1.46 27.05 2.41
N GLY A 145 0.12 27.21 2.41
CA GLY A 145 -0.59 27.55 1.21
C GLY A 145 -1.36 26.39 0.62
N VAL A 146 -1.07 25.17 1.05
CA VAL A 146 -1.80 24.00 0.54
C VAL A 146 -3.02 23.82 1.44
N GLY A 147 -2.79 23.34 2.67
CA GLY A 147 -3.84 22.84 3.54
C GLY A 147 -4.85 22.01 2.78
N LEU A 148 -6.13 22.30 2.97
CA LEU A 148 -7.23 21.47 2.53
C LEU A 148 -7.42 21.49 1.02
N ASP A 149 -6.81 22.44 0.31
CA ASP A 149 -6.66 22.29 -1.15
C ASP A 149 -6.10 20.89 -1.46
N ALA A 150 -5.45 20.25 -0.50
CA ALA A 150 -4.86 18.98 -0.76
C ALA A 150 -5.94 17.97 -1.17
N ILE A 151 -7.21 18.23 -0.82
CA ILE A 151 -8.28 17.34 -1.21
C ILE A 151 -8.36 17.24 -2.72
N ASN A 152 -8.50 18.38 -3.40
CA ASN A 152 -8.58 18.49 -4.86
C ASN A 152 -7.28 17.97 -5.47
N ASP A 153 -6.16 18.24 -4.82
CA ASP A 153 -4.89 17.75 -5.30
C ASP A 153 -4.92 16.23 -5.38
N ALA A 154 -5.34 15.57 -4.28
CA ALA A 154 -5.43 14.09 -4.28
C ALA A 154 -6.34 13.60 -5.40
N ASN A 155 -7.46 14.30 -5.60
CA ASN A 155 -8.39 13.87 -6.61
C ASN A 155 -7.69 13.87 -7.97
N LEU A 156 -6.87 14.90 -8.28
CA LEU A 156 -6.06 14.98 -9.55
C LEU A 156 -5.04 13.85 -9.65
N LEU A 157 -4.33 13.60 -8.56
CA LEU A 157 -3.46 12.39 -8.57
C LEU A 157 -4.28 11.19 -9.09
N GLU A 158 -5.51 11.06 -8.61
CA GLU A 158 -6.28 9.89 -9.00
C GLU A 158 -6.64 10.02 -10.47
N ALA A 159 -7.07 11.22 -10.87
CA ALA A 159 -7.47 11.44 -12.29
C ALA A 159 -6.34 11.13 -13.25
N CYS A 160 -5.11 11.39 -12.83
CA CYS A 160 -4.00 11.16 -13.71
C CYS A 160 -3.94 9.69 -14.13
N ILE A 161 -4.27 8.77 -13.22
CA ILE A 161 -4.24 7.36 -13.54
C ILE A 161 -4.95 7.13 -14.85
N TYR A 162 -6.20 7.57 -14.92
CA TYR A 162 -7.02 7.27 -16.08
C TYR A 162 -6.56 8.06 -17.34
N ARG A 163 -5.84 9.18 -17.16
N ARG A 163 -5.83 9.18 -17.17
CA ARG A 163 -5.28 9.95 -18.31
CA ARG A 163 -5.31 9.94 -18.34
C ARG A 163 -4.15 9.12 -18.92
C ARG A 163 -4.13 9.15 -18.93
N LEU A 164 -3.28 8.60 -18.04
CA LEU A 164 -2.16 7.78 -18.48
C LEU A 164 -2.67 6.52 -19.19
N LEU A 165 -3.66 5.84 -18.61
CA LEU A 165 -4.21 4.64 -19.25
C LEU A 165 -4.75 4.95 -20.65
N LYS A 166 -5.42 6.10 -20.82
CA LYS A 166 -5.93 6.49 -22.14
C LYS A 166 -4.77 6.83 -23.08
N LEU A 167 -3.79 7.57 -22.57
CA LEU A 167 -2.73 8.06 -23.43
C LEU A 167 -1.84 6.91 -23.94
N TYR A 168 -1.67 5.88 -23.11
CA TYR A 168 -0.72 4.86 -23.45
C TYR A 168 -1.38 3.54 -23.82
N CYS A 169 -2.61 3.25 -23.39
CA CYS A 169 -3.15 1.88 -23.66
C CYS A 169 -4.49 1.89 -24.39
N ARG A 170 -5.06 3.05 -24.74
CA ARG A 170 -6.45 3.02 -25.21
C ARG A 170 -6.62 1.93 -26.28
N GLU A 171 -5.55 1.66 -27.04
CA GLU A 171 -5.60 0.77 -28.19
C GLU A 171 -5.60 -0.69 -27.76
N GLN A 172 -5.05 -0.99 -26.60
CA GLN A 172 -4.66 -2.36 -26.26
C GLN A 172 -5.90 -3.19 -25.91
N PRO A 173 -5.90 -4.52 -26.13
CA PRO A 173 -7.03 -5.38 -25.77
C PRO A 173 -7.47 -5.35 -24.30
N TYR A 174 -6.55 -4.99 -23.39
CA TYR A 174 -6.79 -5.01 -21.94
C TYR A 174 -7.08 -3.61 -21.37
N TYR A 175 -7.41 -2.63 -22.22
CA TYR A 175 -7.62 -1.25 -21.77
C TYR A 175 -8.69 -1.27 -20.67
N LEU A 176 -9.89 -1.77 -21.01
CA LEU A 176 -11.00 -1.81 -20.08
C LEU A 176 -10.63 -2.64 -18.82
N ASN A 177 -10.00 -3.80 -18.99
CA ASN A 177 -9.58 -4.54 -17.83
C ASN A 177 -8.76 -3.66 -16.87
N LEU A 178 -7.84 -2.85 -17.39
CA LEU A 178 -7.02 -2.00 -16.50
C LEU A 178 -7.88 -0.88 -15.86
N ILE A 179 -8.81 -0.29 -16.59
CA ILE A 179 -9.65 0.71 -15.93
C ILE A 179 -10.41 -0.01 -14.79
N GLU A 180 -11.05 -1.13 -15.08
CA GLU A 180 -11.90 -1.84 -14.11
C GLU A 180 -11.08 -2.17 -12.86
N LEU A 181 -9.83 -2.60 -13.08
CA LEU A 181 -9.00 -3.06 -12.01
C LEU A 181 -8.69 -1.92 -11.04
N PHE A 182 -8.28 -0.77 -11.60
CA PHE A 182 -7.88 0.36 -10.83
C PHE A 182 -9.05 0.92 -10.07
N LEU A 183 -10.17 1.02 -10.78
CA LEU A 183 -11.38 1.51 -10.18
C LEU A 183 -11.76 0.60 -9.02
N GLN A 184 -11.75 -0.72 -9.24
CA GLN A 184 -12.14 -1.61 -8.20
C GLN A 184 -11.12 -1.51 -7.05
N SER A 185 -9.84 -1.41 -7.40
CA SER A 185 -8.80 -1.32 -6.36
C SER A 185 -9.02 -0.06 -5.51
N SER A 186 -9.44 1.06 -6.13
CA SER A 186 -9.77 2.29 -5.43
C SER A 186 -10.92 2.07 -4.45
N TYR A 187 -12.01 1.50 -4.94
CA TYR A 187 -13.15 1.17 -4.12
C TYR A 187 -12.77 0.16 -3.01
N GLN A 188 -12.00 -0.88 -3.30
CA GLN A 188 -11.60 -1.85 -2.24
C GLN A 188 -10.95 -1.10 -1.07
N THR A 189 -10.12 -0.09 -1.46
CA THR A 189 -9.23 0.67 -0.57
C THR A 189 -10.07 1.65 0.24
N GLU A 190 -11.11 2.23 -0.38
CA GLU A 190 -11.89 3.28 0.26
C GLU A 190 -12.83 2.65 1.30
N ILE A 191 -13.55 1.61 0.86
CA ILE A 191 -14.31 0.68 1.76
C ILE A 191 -13.44 0.41 2.99
N GLY A 192 -12.19 0.08 2.74
CA GLY A 192 -11.27 -0.29 3.81
C GLY A 192 -11.01 0.85 4.78
N GLN A 193 -10.62 2.01 4.26
CA GLN A 193 -10.28 3.15 5.11
C GLN A 193 -11.48 3.54 5.98
N THR A 194 -12.67 3.24 5.45
CA THR A 194 -13.94 3.57 6.07
C THR A 194 -14.11 2.64 7.27
N LEU A 195 -13.76 1.40 7.04
CA LEU A 195 -13.81 0.46 8.09
C LEU A 195 -12.86 0.88 9.23
N ASP A 196 -11.67 1.41 8.85
CA ASP A 196 -10.61 1.67 9.82
C ASP A 196 -11.07 2.83 10.69
N LEU A 197 -11.41 3.95 10.06
CA LEU A 197 -12.02 5.16 10.68
C LEU A 197 -13.17 4.82 11.65
N LEU A 198 -14.04 3.90 11.25
CA LEU A 198 -15.16 3.45 12.07
C LEU A 198 -14.71 2.65 13.32
N THR A 199 -13.48 2.14 13.26
CA THR A 199 -12.93 1.18 14.19
C THR A 199 -12.10 1.94 15.24
N ALA A 200 -11.56 3.09 14.86
CA ALA A 200 -10.47 3.69 15.55
C ALA A 200 -10.55 5.22 15.52
N PRO A 201 -11.62 5.85 16.06
CA PRO A 201 -11.68 7.30 16.28
C PRO A 201 -10.46 8.05 16.88
N GLN A 202 -9.79 8.86 16.03
CA GLN A 202 -8.48 9.57 16.26
C GLN A 202 -8.49 10.31 17.60
N ASN A 204 -12.30 9.05 21.24
CA ASN A 204 -13.15 7.87 21.31
C ASN A 204 -12.27 6.62 21.47
N VAL A 205 -11.79 6.43 22.70
CA VAL A 205 -10.78 5.44 23.04
C VAL A 205 -11.45 4.09 23.24
N ASP A 206 -11.43 3.20 22.23
CA ASP A 206 -12.18 1.93 22.33
C ASP A 206 -11.39 0.75 21.74
N LEU A 207 -11.34 -0.33 22.54
CA LEU A 207 -10.61 -1.56 22.30
C LEU A 207 -11.57 -2.68 21.92
N VAL A 208 -12.83 -2.60 22.38
CA VAL A 208 -13.87 -3.58 22.05
C VAL A 208 -13.97 -3.74 20.52
N ARG A 209 -13.62 -2.67 19.79
CA ARG A 209 -13.74 -2.64 18.33
C ARG A 209 -12.63 -3.46 17.67
N PHE A 210 -11.44 -3.40 18.28
CA PHE A 210 -10.19 -3.99 17.80
C PHE A 210 -10.19 -5.54 17.89
N THR A 211 -10.89 -6.20 16.95
CA THR A 211 -10.94 -7.68 16.91
C THR A 211 -10.11 -8.21 15.74
N GLU A 212 -9.75 -9.49 15.86
CA GLU A 212 -9.01 -10.23 14.83
C GLU A 212 -9.82 -10.27 13.54
N LYS A 213 -11.12 -10.60 13.63
CA LYS A 213 -11.97 -10.76 12.46
C LYS A 213 -11.86 -9.45 11.66
N ARG A 214 -12.00 -8.34 12.42
CA ARG A 214 -12.09 -6.99 11.92
C ARG A 214 -10.72 -6.57 11.40
N TYR A 215 -9.66 -6.86 12.15
CA TYR A 215 -8.33 -6.48 11.70
C TYR A 215 -8.02 -7.11 10.33
N LYS A 216 -8.22 -8.43 10.21
CA LYS A 216 -8.01 -9.14 8.92
C LYS A 216 -8.82 -8.43 7.83
N SER A 217 -10.06 -8.05 8.15
CA SER A 217 -10.94 -7.39 7.20
C SER A 217 -10.45 -5.97 6.81
N ILE A 218 -9.86 -5.22 7.75
CA ILE A 218 -9.34 -3.88 7.48
C ILE A 218 -8.16 -3.99 6.52
N VAL A 219 -7.23 -4.91 6.84
CA VAL A 219 -5.94 -5.06 6.13
C VAL A 219 -6.22 -5.48 4.69
N LYS A 220 -7.14 -6.43 4.53
CA LYS A 220 -7.50 -6.97 3.23
C LYS A 220 -7.99 -5.85 2.32
N TYR A 221 -8.96 -5.06 2.77
CA TYR A 221 -9.56 -4.02 1.92
C TYR A 221 -8.60 -2.84 1.77
N LYS A 222 -7.98 -2.39 2.87
CA LYS A 222 -7.27 -1.09 2.90
C LYS A 222 -5.87 -1.14 2.24
N THR A 223 -5.15 -2.27 2.35
CA THR A 223 -3.74 -2.34 1.97
C THR A 223 -3.43 -3.48 0.99
N ALA A 224 -4.19 -4.57 1.03
CA ALA A 224 -3.73 -5.80 0.44
C ALA A 224 -4.11 -5.83 -1.02
N PHE A 225 -5.37 -5.54 -1.35
N PHE A 225 -5.37 -5.54 -1.33
CA PHE A 225 -5.79 -5.52 -2.75
CA PHE A 225 -5.83 -5.48 -2.69
C PHE A 225 -4.88 -4.53 -3.51
C PHE A 225 -4.91 -4.53 -3.49
N TYR A 226 -4.82 -3.26 -3.12
CA TYR A 226 -4.05 -2.28 -3.97
C TYR A 226 -2.53 -2.52 -3.90
N SER A 227 -2.00 -3.11 -2.81
CA SER A 227 -0.53 -3.27 -2.63
C SER A 227 0.00 -4.57 -3.22
N PHE A 228 -0.79 -5.66 -3.15
CA PHE A 228 -0.30 -6.91 -3.66
C PHE A 228 -1.05 -7.30 -4.93
N TYR A 229 -2.38 -7.21 -4.93
CA TYR A 229 -3.10 -7.79 -6.03
C TYR A 229 -3.05 -6.83 -7.24
N LEU A 230 -3.43 -5.56 -7.07
CA LEU A 230 -3.47 -4.57 -8.22
C LEU A 230 -2.27 -4.79 -9.14
N PRO A 231 -1.02 -4.80 -8.62
CA PRO A 231 0.15 -4.73 -9.51
C PRO A 231 0.43 -6.04 -10.26
N ILE A 232 0.38 -7.20 -9.58
CA ILE A 232 0.48 -8.50 -10.27
C ILE A 232 -0.70 -8.58 -11.25
N ALA A 233 -1.88 -8.13 -10.82
CA ALA A 233 -3.10 -8.32 -11.60
C ALA A 233 -2.99 -7.52 -12.90
N ALA A 234 -2.47 -6.28 -12.77
CA ALA A 234 -2.25 -5.37 -13.91
C ALA A 234 -1.30 -6.04 -14.91
N ALA A 235 -0.23 -6.64 -14.39
CA ALA A 235 0.79 -7.23 -15.25
C ALA A 235 0.20 -8.42 -16.01
N MET A 236 -0.58 -9.22 -15.30
CA MET A 236 -1.23 -10.33 -15.93
C MET A 236 -2.11 -9.83 -17.08
N TYR A 237 -2.93 -8.80 -16.86
CA TYR A 237 -3.85 -8.34 -17.93
C TYR A 237 -3.02 -7.86 -19.13
N MET A 238 -1.87 -7.25 -18.81
CA MET A 238 -1.07 -6.72 -19.85
C MET A 238 -0.54 -7.89 -20.67
N ALA A 239 -0.35 -9.01 -19.98
CA ALA A 239 0.16 -10.24 -20.59
C ALA A 239 -0.93 -11.02 -21.35
N GLY A 240 -2.19 -10.62 -21.23
CA GLY A 240 -3.27 -11.29 -21.91
C GLY A 240 -3.86 -12.43 -21.08
N ILE A 241 -3.49 -12.44 -19.80
CA ILE A 241 -3.99 -13.39 -18.85
C ILE A 241 -5.08 -12.71 -18.05
N ASP A 242 -6.32 -13.03 -18.43
CA ASP A 242 -7.46 -12.35 -17.91
C ASP A 242 -8.51 -13.36 -17.43
N GLY A 243 -8.23 -14.66 -17.49
CA GLY A 243 -9.16 -15.61 -16.92
C GLY A 243 -9.39 -15.29 -15.45
N GLU A 244 -10.64 -15.34 -14.99
CA GLU A 244 -10.92 -15.01 -13.57
C GLU A 244 -10.59 -16.18 -12.64
N LYS A 245 -10.31 -17.38 -13.17
CA LYS A 245 -9.67 -18.39 -12.36
C LYS A 245 -8.20 -17.98 -12.11
N GLU A 246 -7.45 -17.68 -13.17
CA GLU A 246 -6.04 -17.26 -12.97
C GLU A 246 -5.98 -16.13 -11.93
N HIS A 247 -6.85 -15.12 -12.08
CA HIS A 247 -6.85 -13.99 -11.18
C HIS A 247 -7.32 -14.44 -9.80
N ALA A 248 -8.33 -15.30 -9.77
CA ALA A 248 -8.85 -15.93 -8.52
C ALA A 248 -7.70 -16.53 -7.71
N ASN A 249 -6.82 -17.27 -8.39
CA ASN A 249 -5.64 -17.93 -7.78
C ASN A 249 -4.55 -16.90 -7.41
N ALA A 250 -4.36 -15.87 -8.23
CA ALA A 250 -3.26 -14.96 -7.96
C ALA A 250 -3.59 -14.14 -6.70
N LYS A 251 -4.80 -13.56 -6.69
CA LYS A 251 -5.39 -12.80 -5.55
C LYS A 251 -5.25 -13.60 -4.23
N LYS A 252 -5.54 -14.89 -4.28
CA LYS A 252 -5.48 -15.75 -3.08
C LYS A 252 -4.06 -15.71 -2.46
N ILE A 253 -3.05 -16.05 -3.25
CA ILE A 253 -1.70 -15.94 -2.76
C ILE A 253 -1.46 -14.54 -2.18
N LEU A 254 -1.74 -13.50 -3.01
CA LEU A 254 -1.33 -12.12 -2.80
C LEU A 254 -2.01 -11.48 -1.57
N LEU A 255 -3.31 -11.72 -1.42
CA LEU A 255 -4.02 -11.17 -0.29
C LEU A 255 -3.41 -11.67 1.03
N GLU A 256 -2.90 -12.90 1.07
CA GLU A 256 -2.34 -13.45 2.27
C GLU A 256 -0.96 -12.83 2.51
N MET A 257 -0.18 -12.64 1.43
CA MET A 257 1.06 -11.87 1.54
C MET A 257 0.78 -10.47 2.09
N GLY A 258 -0.34 -9.88 1.69
CA GLY A 258 -0.77 -8.57 2.16
C GLY A 258 -0.97 -8.52 3.66
N GLU A 259 -1.54 -9.60 4.22
CA GLU A 259 -1.82 -9.72 5.66
C GLU A 259 -0.51 -9.77 6.41
N PHE A 260 0.39 -10.63 5.94
CA PHE A 260 1.68 -10.72 6.57
C PHE A 260 2.36 -9.34 6.53
N PHE A 261 2.38 -8.72 5.35
CA PHE A 261 3.12 -7.49 5.16
C PHE A 261 2.73 -6.47 6.24
N GLN A 262 1.42 -6.36 6.50
CA GLN A 262 0.85 -5.37 7.43
C GLN A 262 1.09 -5.81 8.88
N ILE A 263 0.81 -7.09 9.16
CA ILE A 263 1.05 -7.61 10.45
C ILE A 263 2.51 -7.36 10.80
N GLN A 264 3.43 -7.60 9.85
CA GLN A 264 4.85 -7.27 10.09
C GLN A 264 5.00 -5.74 10.20
N ASP A 265 4.26 -5.01 9.35
CA ASP A 265 4.32 -3.56 9.39
C ASP A 265 4.01 -3.04 10.80
N ASP A 266 3.02 -3.64 11.46
CA ASP A 266 2.59 -3.25 12.84
C ASP A 266 3.60 -3.69 13.91
N TYR A 267 4.21 -4.86 13.75
CA TYR A 267 5.23 -5.30 14.69
C TYR A 267 6.35 -4.26 14.77
N LEU A 268 6.97 -4.01 13.61
CA LEU A 268 8.16 -3.17 13.48
C LEU A 268 7.92 -1.74 14.00
N ASP A 269 6.69 -1.23 13.88
CA ASP A 269 6.39 0.19 14.24
C ASP A 269 6.90 0.48 15.66
N LEU A 270 6.75 -0.51 16.53
CA LEU A 270 7.15 -0.44 17.91
C LEU A 270 8.58 -1.00 18.08
N PHE A 271 8.77 -2.31 17.85
CA PHE A 271 10.01 -3.02 18.25
C PHE A 271 11.09 -2.92 17.18
N GLY A 272 10.68 -2.70 15.94
CA GLY A 272 11.60 -2.54 14.85
C GLY A 272 12.56 -1.40 15.10
N ASP A 273 13.86 -1.72 15.15
CA ASP A 273 14.96 -0.76 15.16
C ASP A 273 14.65 0.35 14.16
N PRO A 274 14.45 1.61 14.60
CA PRO A 274 14.04 2.71 13.70
C PRO A 274 15.00 3.09 12.56
N SER A 275 16.24 2.60 12.61
CA SER A 275 17.26 2.80 11.56
C SER A 275 17.09 1.77 10.44
N VAL A 276 16.87 0.51 10.85
CA VAL A 276 16.51 -0.65 9.97
C VAL A 276 15.21 -0.36 9.19
N THR A 277 14.26 0.36 9.82
CA THR A 277 12.90 0.59 9.29
C THR A 277 12.81 1.95 8.57
N GLY A 278 13.28 3.00 9.25
CA GLY A 278 13.23 4.36 8.75
C GLY A 278 11.95 5.07 9.17
N LYS A 279 11.65 5.02 10.47
CA LYS A 279 10.50 5.72 11.05
C LYS A 279 10.49 5.54 12.57
N ILE A 280 10.26 6.63 13.30
CA ILE A 280 9.72 6.56 14.65
C ILE A 280 8.28 6.04 14.50
N GLY A 281 7.68 5.51 15.57
CA GLY A 281 6.35 4.87 15.49
C GLY A 281 5.33 5.64 16.30
N THR A 282 4.07 5.66 15.83
CA THR A 282 2.95 6.16 16.65
C THR A 282 1.75 5.24 16.46
N ASP A 283 2.01 3.93 16.57
CA ASP A 283 0.93 2.94 16.54
C ASP A 283 0.13 3.02 17.85
N ILE A 284 0.81 2.98 19.01
CA ILE A 284 0.13 3.09 20.35
C ILE A 284 -0.28 4.54 20.57
N GLN A 285 0.68 5.45 20.31
CA GLN A 285 0.56 6.88 20.58
C GLN A 285 -0.62 7.51 19.82
N ASP A 286 -1.17 6.86 18.77
CA ASP A 286 -2.29 7.40 17.97
C ASP A 286 -3.50 6.44 17.93
N ASN A 287 -3.77 5.68 18.99
CA ASN A 287 -4.98 4.80 19.13
C ASN A 287 -5.19 3.90 17.90
N LYS A 288 -4.12 3.43 17.24
CA LYS A 288 -4.26 2.60 16.00
C LYS A 288 -4.82 1.22 16.37
N CYS A 289 -5.53 0.59 15.42
CA CYS A 289 -5.95 -0.79 15.57
C CYS A 289 -4.85 -1.70 15.01
N SER A 290 -3.74 -1.83 15.77
CA SER A 290 -2.52 -2.61 15.41
C SER A 290 -2.82 -4.10 15.45
N TRP A 291 -1.91 -4.90 14.90
CA TRP A 291 -1.94 -6.34 15.11
C TRP A 291 -1.63 -6.55 16.60
N LEU A 292 -0.56 -5.86 17.04
CA LEU A 292 -0.06 -5.91 18.39
C LEU A 292 -1.20 -5.86 19.41
N VAL A 293 -1.94 -4.76 19.37
CA VAL A 293 -2.96 -4.45 20.36
C VAL A 293 -4.03 -5.54 20.29
N VAL A 294 -4.35 -5.98 19.07
CA VAL A 294 -5.35 -7.04 18.83
C VAL A 294 -4.96 -8.31 19.60
N GLN A 295 -3.66 -8.63 19.60
CA GLN A 295 -3.19 -9.90 20.12
C GLN A 295 -3.04 -9.78 21.65
N CYS A 296 -2.49 -8.65 22.12
CA CYS A 296 -2.53 -8.24 23.52
C CYS A 296 -3.96 -8.27 24.08
N LEU A 297 -4.92 -7.75 23.32
CA LEU A 297 -6.33 -7.79 23.73
C LEU A 297 -6.83 -9.25 23.83
N GLN A 298 -6.32 -10.16 22.97
CA GLN A 298 -6.75 -11.59 22.96
C GLN A 298 -6.17 -12.34 24.19
N ARG A 299 -5.07 -11.79 24.72
CA ARG A 299 -4.17 -12.39 25.69
C ARG A 299 -3.91 -11.40 26.83
N ALA A 300 -4.86 -11.29 27.78
CA ALA A 300 -4.75 -10.29 28.83
C ALA A 300 -5.85 -10.50 29.87
N THR A 301 -5.43 -10.58 31.13
CA THR A 301 -6.34 -10.65 32.27
C THR A 301 -6.99 -9.28 32.44
N PRO A 302 -8.23 -9.19 32.97
CA PRO A 302 -8.91 -7.90 33.11
C PRO A 302 -7.98 -6.78 33.64
N GLU A 303 -7.23 -7.12 34.70
CA GLU A 303 -6.24 -6.25 35.38
C GLU A 303 -5.26 -5.63 34.36
N GLN A 304 -5.26 -6.13 33.11
CA GLN A 304 -4.33 -5.70 32.07
C GLN A 304 -5.06 -4.83 31.03
N TYR A 305 -6.31 -5.20 30.67
CA TYR A 305 -7.28 -4.34 29.89
C TYR A 305 -7.25 -2.88 30.40
N GLN A 306 -7.19 -2.73 31.72
CA GLN A 306 -7.28 -1.44 32.37
C GLN A 306 -6.00 -0.63 32.08
N ILE A 307 -4.84 -1.27 32.24
CA ILE A 307 -3.54 -0.61 32.15
C ILE A 307 -3.34 -0.13 30.71
N LEU A 308 -4.01 -0.84 29.79
CA LEU A 308 -4.11 -0.56 28.36
C LEU A 308 -5.13 0.55 28.12
N LYS A 309 -6.36 0.36 28.63
CA LYS A 309 -7.40 1.35 28.58
C LYS A 309 -6.91 2.62 29.29
N GLU A 310 -5.90 2.50 30.17
CA GLU A 310 -5.39 3.63 30.98
C GLU A 310 -4.38 4.48 30.18
N ASN A 311 -3.56 3.87 29.31
CA ASN A 311 -2.41 4.61 28.69
C ASN A 311 -2.28 4.37 27.15
N TYR A 312 -3.19 3.62 26.52
CA TYR A 312 -3.23 3.52 25.05
C TYR A 312 -3.84 4.81 24.48
N GLY A 313 -3.11 5.49 23.58
CA GLY A 313 -3.59 6.69 22.91
C GLY A 313 -3.12 7.98 23.57
N GLN A 314 -2.35 7.90 24.67
CA GLN A 314 -1.88 9.10 25.37
C GLN A 314 -0.58 9.59 24.71
N LYS A 315 -0.38 10.91 24.73
CA LYS A 315 0.80 11.57 24.23
C LYS A 315 1.99 11.28 25.17
N GLU A 316 1.75 11.25 26.49
CA GLU A 316 2.84 11.09 27.47
C GLU A 316 3.57 9.76 27.19
N ALA A 317 4.93 9.84 27.18
CA ALA A 317 5.87 8.72 26.92
C ALA A 317 5.78 7.67 28.03
N GLU A 318 5.71 8.14 29.30
CA GLU A 318 5.48 7.33 30.50
C GLU A 318 4.29 6.37 30.29
N LYS A 319 3.23 6.87 29.64
CA LYS A 319 2.05 6.09 29.27
C LYS A 319 2.37 5.20 28.06
N VAL A 320 2.99 5.77 27.01
CA VAL A 320 3.34 5.02 25.78
C VAL A 320 4.18 3.78 26.15
N ALA A 321 4.93 3.88 27.27
CA ALA A 321 5.90 2.86 27.76
C ALA A 321 5.24 1.69 28.48
N ARG A 322 4.20 1.98 29.27
CA ARG A 322 3.54 0.99 30.14
C ARG A 322 2.49 0.19 29.34
N VAL A 323 2.58 0.23 28.00
CA VAL A 323 1.84 -0.67 27.09
C VAL A 323 2.86 -1.59 26.44
N LYS A 324 3.82 -0.96 25.74
CA LYS A 324 5.03 -1.58 25.24
C LYS A 324 5.52 -2.68 26.19
N ALA A 325 5.62 -2.33 27.48
CA ALA A 325 6.08 -3.21 28.51
C ALA A 325 5.06 -4.33 28.76
N LEU A 326 3.76 -4.01 28.67
CA LEU A 326 2.70 -5.04 28.79
C LEU A 326 2.84 -6.02 27.61
N TYR A 327 3.00 -5.46 26.42
CA TYR A 327 3.21 -6.26 25.23
C TYR A 327 4.41 -7.20 25.42
N GLU A 328 5.51 -6.67 25.94
CA GLU A 328 6.71 -7.44 26.18
C GLU A 328 6.40 -8.56 27.19
N GLU A 329 5.65 -8.24 28.27
CA GLU A 329 5.32 -9.23 29.30
C GLU A 329 4.22 -10.20 28.81
N LEU A 330 3.72 -10.03 27.57
CA LEU A 330 2.80 -11.04 26.97
C LEU A 330 3.52 -11.84 25.85
N ASP A 331 4.86 -11.71 25.81
CA ASP A 331 5.75 -12.39 24.83
C ASP A 331 5.20 -12.29 23.41
N LEU A 332 4.78 -11.08 23.04
CA LEU A 332 4.17 -10.84 21.75
C LEU A 332 5.25 -10.79 20.66
N PRO A 333 6.46 -10.18 20.88
CA PRO A 333 7.57 -10.34 19.95
C PRO A 333 7.82 -11.81 19.57
N ALA A 334 7.66 -12.69 20.56
CA ALA A 334 7.80 -14.14 20.42
C ALA A 334 6.60 -14.73 19.67
N VAL A 335 5.39 -14.21 19.92
CA VAL A 335 4.17 -14.61 19.18
C VAL A 335 4.24 -14.14 17.71
N PHE A 336 4.99 -13.07 17.45
CA PHE A 336 5.20 -12.60 16.09
C PHE A 336 6.08 -13.57 15.32
N LEU A 337 7.16 -14.01 15.98
CA LEU A 337 8.11 -14.95 15.41
C LEU A 337 7.35 -16.22 14.99
N GLN A 338 6.47 -16.67 15.88
CA GLN A 338 5.66 -17.86 15.70
C GLN A 338 4.75 -17.70 14.48
N TYR A 339 4.10 -16.52 14.36
CA TYR A 339 3.25 -16.19 13.21
C TYR A 339 4.08 -16.08 11.91
N GLU A 340 5.29 -15.47 11.96
CA GLU A 340 6.15 -15.27 10.76
C GLU A 340 6.54 -16.61 10.10
N GLU A 341 6.81 -17.62 10.93
CA GLU A 341 7.25 -18.95 10.49
C GLU A 341 6.09 -19.70 9.81
N ASP A 342 4.93 -19.68 10.51
CA ASP A 342 3.68 -20.25 10.00
C ASP A 342 3.33 -19.56 8.69
N SER A 343 3.27 -18.22 8.72
CA SER A 343 2.86 -17.43 7.58
C SER A 343 3.73 -17.82 6.40
N TYR A 344 5.03 -17.93 6.65
CA TYR A 344 5.99 -18.20 5.61
C TYR A 344 5.69 -19.56 4.95
N SER A 345 5.62 -20.62 5.75
CA SER A 345 5.28 -21.96 5.31
C SER A 345 4.08 -21.95 4.39
N HIS A 346 3.06 -21.22 4.83
CA HIS A 346 1.75 -21.11 4.25
C HIS A 346 1.79 -20.40 2.87
N ILE A 347 2.57 -19.32 2.79
CA ILE A 347 2.69 -18.63 1.51
C ILE A 347 3.28 -19.60 0.48
N MET A 348 4.23 -20.42 0.92
CA MET A 348 4.83 -21.32 0.00
C MET A 348 3.80 -22.39 -0.39
N ALA A 349 2.91 -22.83 0.51
CA ALA A 349 1.94 -23.87 0.10
C ALA A 349 0.99 -23.25 -0.92
N LEU A 350 0.61 -22.02 -0.63
CA LEU A 350 -0.29 -21.32 -1.51
C LEU A 350 0.35 -21.09 -2.88
N ILE A 351 1.65 -20.76 -2.90
CA ILE A 351 2.38 -20.62 -4.12
C ILE A 351 2.40 -21.98 -4.83
N GLU A 352 2.68 -23.04 -4.09
CA GLU A 352 2.71 -24.40 -4.64
C GLU A 352 1.36 -24.74 -5.28
N GLN A 353 0.27 -24.44 -4.59
CA GLN A 353 -1.05 -24.86 -5.02
C GLN A 353 -1.66 -23.94 -6.10
N TYR A 354 -1.26 -22.64 -6.20
CA TYR A 354 -2.06 -21.65 -6.94
C TYR A 354 -1.26 -20.78 -7.92
N ALA A 355 0.07 -20.87 -7.93
CA ALA A 355 0.87 -20.02 -8.82
C ALA A 355 0.67 -20.43 -10.28
N ALA A 356 0.61 -21.74 -10.52
CA ALA A 356 0.44 -22.31 -11.87
C ALA A 356 -0.78 -21.69 -12.55
N PRO A 357 -0.67 -21.38 -13.84
CA PRO A 357 0.48 -21.60 -14.68
C PRO A 357 1.37 -20.35 -14.82
N LEU A 358 1.48 -19.57 -13.75
CA LEU A 358 2.40 -18.45 -13.75
C LEU A 358 3.71 -18.96 -13.17
N PRO A 359 4.86 -18.31 -13.50
CA PRO A 359 6.14 -18.64 -12.87
C PRO A 359 6.07 -18.38 -11.37
N PRO A 360 6.43 -19.33 -10.51
CA PRO A 360 6.49 -19.02 -9.09
C PRO A 360 7.32 -17.78 -8.81
N ALA A 361 8.38 -17.58 -9.61
CA ALA A 361 9.30 -16.37 -9.62
C ALA A 361 8.60 -15.00 -9.45
N VAL A 362 7.38 -14.90 -9.96
CA VAL A 362 6.45 -13.80 -9.70
C VAL A 362 6.16 -13.69 -8.21
N PHE A 363 5.82 -14.81 -7.57
CA PHE A 363 5.41 -14.74 -6.17
C PHE A 363 6.65 -14.69 -5.26
N LEU A 364 7.66 -15.50 -5.57
CA LEU A 364 8.85 -15.62 -4.73
C LEU A 364 9.64 -14.30 -4.78
N GLY A 365 9.53 -13.57 -5.89
CA GLY A 365 10.06 -12.23 -5.95
C GLY A 365 9.54 -11.38 -4.80
N LEU A 366 8.21 -11.25 -4.70
CA LEU A 366 7.58 -10.51 -3.59
C LEU A 366 7.93 -11.17 -2.24
N ALA A 367 7.65 -12.45 -2.10
CA ALA A 367 7.87 -13.14 -0.80
C ALA A 367 9.28 -12.84 -0.25
N ARG A 368 10.27 -12.82 -1.13
CA ARG A 368 11.64 -12.53 -0.78
C ARG A 368 11.74 -11.16 -0.10
N LYS A 369 11.10 -10.16 -0.72
CA LYS A 369 11.19 -8.78 -0.28
C LYS A 369 10.52 -8.62 1.09
N ILE A 370 9.32 -9.17 1.19
CA ILE A 370 8.50 -8.84 2.30
C ILE A 370 9.03 -9.61 3.54
N TYR A 371 9.53 -10.84 3.34
CA TYR A 371 10.08 -11.62 4.45
C TYR A 371 11.56 -11.26 4.72
N LYS A 372 11.86 -9.97 4.98
CA LYS A 372 13.21 -9.49 5.37
C LYS A 372 13.33 -9.58 6.91
C1 GOL B . -9.11 10.29 -18.76
O1 GOL B . -9.73 11.52 -18.37
C2 GOL B . -9.90 9.58 -19.86
O2 GOL B . -10.81 10.53 -20.46
C3 GOL B . -10.66 8.34 -19.34
O3 GOL B . -9.88 7.14 -19.42
OAD KF7 C . 6.77 2.34 2.26
CAM KF7 C . 8.02 -3.49 0.24
CAO KF7 C . 7.02 -3.88 -0.61
CAL KF7 C . 8.06 -2.39 1.03
NAB KF7 C . 8.64 -0.29 2.86
CAP KF7 C . 7.18 -5.04 -1.39
CAQ KF7 C . 6.21 -5.47 -2.30
CAR KF7 C . 5.03 -4.78 -2.45
CAW KF7 C . 4.09 -5.24 -3.37
CAS KF7 C . 4.84 -3.63 -1.70
CAT KF7 C . 5.82 -3.17 -0.80
SAN KF7 C . 9.48 -4.28 0.46
C5 KF7 C . 9.22 -2.24 1.77
C6 KF7 C . 10.12 -3.22 1.56
N1 KF7 C . 11.32 -3.25 2.19
C2 KF7 C . 11.65 -2.25 3.09
N3 KF7 C . 10.73 -1.24 3.31
C4 KF7 C . 9.55 -1.25 2.65
CAC KF7 C . 8.93 0.99 3.54
PAA KF7 C . 8.24 2.38 2.46
OAE KF7 C . 8.97 2.25 1.03
OAU KF7 C . 8.77 3.76 3.11
CAV KF7 C . 8.30 1.02 4.94
CAX KF7 C . 8.38 -0.25 5.53
CAY KF7 C . 7.35 -1.18 5.33
CAZ KF7 C . 7.43 -2.45 5.90
CBA KF7 C . 8.55 -2.80 6.67
CBB KF7 C . 9.57 -1.87 6.87
CBC KF7 C . 9.49 -0.61 6.29
CL CL D . 2.82 -1.40 -30.43
#